data_7ZLD
#
_entry.id   7ZLD
#
_cell.length_a   42.390
_cell.length_b   42.390
_cell.length_c   216.404
_cell.angle_alpha   90.000
_cell.angle_beta   90.000
_cell.angle_gamma   90.000
#
_symmetry.space_group_name_H-M   'P 43 2 2'
#
loop_
_entity.id
_entity.type
_entity.pdbx_description
1 polymer 'Serine protease subunit NS2B'
2 polymer 'Serine protease NS3'
3 non-polymer (2~{S})-2-[2-[3-(aminomethyl)phenyl]ethanoylamino]-6-azanyl-~{N}-[(2~{S})-6-azanyl-1-[[(5~{R})-6-azanyl-5-carbamimidamido-6-oxidanylidene-hexyl]amino]-1-oxidanylidene-hexan-2-yl]hexanamide
4 water water
#
loop_
_entity_poly.entity_id
_entity_poly.type
_entity_poly.pdbx_seq_one_letter_code
_entity_poly.pdbx_strand_id
1 'polypeptide(L)' MTGKSVDMYIERAGDITWEKDAEVTGNSPRLDVALDESGDFSLVEEDGPPMRE A
2 'polypeptide(L)'
;GSGALWDVPAPKEVKKGETTDGVYRVMTRRLLGSTQVGVGVMQEGVFHTMWHVTKGAALRSGEGRLDPYWGDVKQDLVSY
CGPWKLDAAWDGLSEVQLLAVPPGERAKNIQTLPGIFKTKDGDIGAVALDYPAGTSGSPILDKCGRVIGLYGNGVVIKNG
SYVSAITQGKREEETPVE
;
B
#
loop_
_chem_comp.id
_chem_comp.type
_chem_comp.name
_chem_comp.formula
IY3 non-polymer (2~{S})-2-[2-[3-(aminomethyl)phenyl]ethanoylamino]-6-azanyl-~{N}-[(2~{S})-6-azanyl-1-[[(5~{R})-6-azanyl-5-carbamimidamido-6-oxidanylidene-hexyl]amino]-1-oxidanylidene-hexan-2-yl]hexanamide 'C28 H50 N10 O4'
#
# COMPACT_ATOMS: atom_id res chain seq x y z
N ASP A 7 3.12 -13.00 16.35
CA ASP A 7 3.36 -13.81 15.16
C ASP A 7 2.27 -13.58 14.12
N MET A 8 2.69 -13.16 12.93
CA MET A 8 1.76 -12.64 11.92
C MET A 8 1.44 -13.69 10.86
N TYR A 9 0.24 -13.59 10.30
CA TYR A 9 -0.22 -14.52 9.28
C TYR A 9 -1.04 -13.75 8.25
N ILE A 10 -1.15 -14.31 7.05
CA ILE A 10 -1.87 -13.63 5.98
C ILE A 10 -3.09 -14.44 5.58
N GLU A 11 -4.12 -13.72 5.12
CA GLU A 11 -5.41 -14.26 4.74
C GLU A 11 -5.85 -13.62 3.45
N ARG A 12 -6.22 -14.41 2.45
CA ARG A 12 -6.61 -13.83 1.18
C ARG A 12 -7.87 -12.99 1.35
N ALA A 13 -7.90 -11.83 0.68
CA ALA A 13 -9.06 -10.95 0.73
C ALA A 13 -9.68 -10.67 -0.63
N GLY A 14 -9.02 -11.00 -1.73
CA GLY A 14 -9.66 -10.85 -3.02
C GLY A 14 -8.69 -10.85 -4.18
N ASP A 15 -9.26 -10.76 -5.37
CA ASP A 15 -8.50 -10.54 -6.59
C ASP A 15 -8.10 -9.08 -6.70
N ILE A 16 -7.03 -8.83 -7.44
CA ILE A 16 -6.60 -7.48 -7.75
C ILE A 16 -7.11 -7.17 -9.15
N THR A 17 -8.24 -6.47 -9.21
CA THR A 17 -8.94 -6.25 -10.46
C THR A 17 -9.57 -4.87 -10.42
N TRP A 18 -9.52 -4.18 -11.57
CA TRP A 18 -10.21 -2.90 -11.70
C TRP A 18 -11.71 -3.14 -11.67
N GLU A 19 -12.44 -2.33 -10.90
CA GLU A 19 -13.90 -2.45 -10.84
C GLU A 19 -14.53 -1.40 -11.74
N LYS A 20 -15.41 -1.85 -12.64
CA LYS A 20 -15.88 -0.98 -13.72
C LYS A 20 -16.72 0.17 -13.18
N ASP A 21 -17.64 -0.11 -12.27
CA ASP A 21 -18.53 0.95 -11.80
C ASP A 21 -18.22 1.32 -10.36
N ALA A 22 -16.94 1.55 -10.07
CA ALA A 22 -16.53 1.85 -8.70
C ALA A 22 -16.92 3.27 -8.31
N GLU A 23 -17.12 3.45 -7.00
CA GLU A 23 -17.31 4.79 -6.45
C GLU A 23 -16.08 5.65 -6.72
N VAL A 24 -16.29 6.93 -7.04
CA VAL A 24 -15.23 7.86 -7.40
C VAL A 24 -15.20 8.99 -6.39
N THR A 25 -14.09 9.14 -5.67
CA THR A 25 -14.04 10.21 -4.68
C THR A 25 -12.60 10.58 -4.38
N GLY A 26 -12.44 11.62 -3.58
CA GLY A 26 -11.10 12.08 -3.21
C GLY A 26 -10.63 13.24 -4.06
N ASN A 27 -9.88 14.16 -3.44
CA ASN A 27 -9.26 15.29 -4.13
C ASN A 27 -7.89 14.89 -4.68
N SER A 28 -7.23 15.83 -5.35
N SER A 28 -7.23 15.86 -5.31
CA SER A 28 -5.90 15.61 -5.92
CA SER A 28 -5.92 15.63 -5.94
C SER A 28 -4.98 16.76 -5.54
C SER A 28 -4.94 16.75 -5.55
N PRO A 29 -4.61 16.87 -4.26
CA PRO A 29 -3.76 17.98 -3.84
C PRO A 29 -2.34 17.81 -4.32
N ARG A 30 -1.71 18.96 -4.59
CA ARG A 30 -0.29 19.02 -4.92
C ARG A 30 0.44 19.60 -3.72
N LEU A 31 1.29 18.79 -3.10
CA LEU A 31 1.88 19.13 -1.81
C LEU A 31 3.39 19.01 -1.90
N ASP A 32 4.09 20.01 -1.35
CA ASP A 32 5.53 19.94 -1.17
C ASP A 32 5.82 19.14 0.09
N VAL A 33 6.58 18.05 -0.04
CA VAL A 33 6.84 17.18 1.09
C VAL A 33 8.33 16.84 1.13
N ALA A 34 8.76 16.38 2.29
CA ALA A 34 10.12 15.89 2.50
C ALA A 34 10.02 14.49 3.09
N LEU A 35 10.93 13.62 2.68
CA LEU A 35 10.99 12.25 3.16
C LEU A 35 12.26 12.10 3.97
N ASP A 36 12.13 11.73 5.24
CA ASP A 36 13.33 11.62 6.06
C ASP A 36 13.86 10.20 6.06
N GLU A 37 15.00 10.02 6.74
CA GLU A 37 15.66 8.72 6.75
C GLU A 37 14.81 7.65 7.41
N SER A 38 13.90 8.04 8.31
N SER A 38 13.90 8.04 8.31
CA SER A 38 13.03 7.07 8.97
CA SER A 38 13.03 7.09 8.98
C SER A 38 11.81 6.69 8.14
C SER A 38 11.83 6.67 8.13
N GLY A 39 11.71 7.19 6.92
CA GLY A 39 10.59 6.85 6.06
C GLY A 39 9.33 7.65 6.37
N ASP A 40 9.46 8.78 7.04
CA ASP A 40 8.31 9.63 7.33
C ASP A 40 8.25 10.79 6.35
N PHE A 41 7.07 11.01 5.77
CA PHE A 41 6.83 12.21 4.98
C PHE A 41 6.43 13.36 5.90
N SER A 42 6.89 14.56 5.58
CA SER A 42 6.50 15.77 6.29
C SER A 42 6.20 16.86 5.28
N LEU A 43 5.28 17.75 5.64
CA LEU A 43 4.94 18.88 4.79
C LEU A 43 6.02 19.95 4.85
N VAL A 44 6.33 20.52 3.69
CA VAL A 44 7.17 21.71 3.60
C VAL A 44 6.25 22.92 3.43
N GLU A 45 6.57 24.01 4.12
CA GLU A 45 5.78 25.23 4.00
C GLU A 45 6.64 26.46 4.22
N GLU B 18 1.70 -23.63 -4.35
CA GLU B 18 2.02 -22.24 -4.07
C GLU B 18 0.79 -21.46 -3.60
N THR B 19 0.99 -20.22 -3.18
CA THR B 19 -0.06 -19.41 -2.58
C THR B 19 -0.60 -18.40 -3.61
N THR B 20 -1.93 -18.32 -3.70
CA THR B 20 -2.58 -17.68 -4.83
C THR B 20 -2.26 -16.20 -4.92
N ASP B 21 -2.12 -15.71 -6.16
CA ASP B 21 -2.06 -14.27 -6.41
C ASP B 21 -3.27 -13.59 -5.77
N GLY B 22 -3.09 -12.36 -5.32
CA GLY B 22 -4.20 -11.55 -4.88
C GLY B 22 -3.79 -10.62 -3.75
N VAL B 23 -4.82 -9.98 -3.15
CA VAL B 23 -4.62 -9.09 -2.02
C VAL B 23 -4.94 -9.84 -0.74
N TYR B 24 -4.15 -9.60 0.30
CA TYR B 24 -4.17 -10.37 1.54
C TYR B 24 -4.19 -9.43 2.74
N ARG B 25 -4.94 -9.81 3.78
CA ARG B 25 -4.83 -9.16 5.07
C ARG B 25 -3.61 -9.69 5.80
N VAL B 26 -2.93 -8.82 6.54
CA VAL B 26 -1.85 -9.21 7.44
C VAL B 26 -2.40 -9.11 8.85
N MET B 27 -2.44 -10.25 9.54
CA MET B 27 -3.08 -10.37 10.85
C MET B 27 -2.07 -10.74 11.92
N THR B 28 -2.39 -10.37 13.16
CA THR B 28 -1.61 -10.82 14.31
C THR B 28 -2.56 -11.27 15.40
N ARG B 29 -2.10 -12.23 16.22
CA ARG B 29 -2.84 -12.63 17.40
C ARG B 29 -2.11 -12.26 18.68
N ARG B 30 -1.04 -11.48 18.57
CA ARG B 30 -0.27 -11.07 19.74
C ARG B 30 -0.99 -9.99 20.55
N LEU B 31 -1.89 -9.25 19.94
CA LEU B 31 -2.64 -8.22 20.64
C LEU B 31 -3.99 -8.82 21.07
N LEU B 32 -4.95 -7.97 21.43
CA LEU B 32 -6.25 -8.48 21.83
C LEU B 32 -6.96 -9.08 20.62
N GLY B 33 -7.45 -10.32 20.78
CA GLY B 33 -8.14 -11.01 19.72
C GLY B 33 -7.28 -11.17 18.48
N SER B 34 -7.91 -11.10 17.31
CA SER B 34 -7.23 -11.13 16.03
C SER B 34 -7.27 -9.73 15.43
N THR B 35 -6.10 -9.16 15.16
CA THR B 35 -5.98 -7.77 14.77
C THR B 35 -5.36 -7.69 13.38
N GLN B 36 -5.97 -6.91 12.49
CA GLN B 36 -5.39 -6.66 11.18
C GLN B 36 -4.41 -5.50 11.30
N VAL B 37 -3.12 -5.79 11.10
CA VAL B 37 -2.11 -4.73 11.12
C VAL B 37 -1.82 -4.17 9.73
N GLY B 38 -2.22 -4.86 8.67
CA GLY B 38 -2.01 -4.32 7.35
C GLY B 38 -2.55 -5.23 6.27
N VAL B 39 -2.01 -5.00 5.06
CA VAL B 39 -2.49 -5.59 3.82
C VAL B 39 -1.27 -5.74 2.91
N GLY B 40 -1.34 -6.70 1.99
CA GLY B 40 -0.29 -6.79 0.98
C GLY B 40 -0.72 -7.53 -0.27
N VAL B 41 0.23 -7.67 -1.18
CA VAL B 41 0.00 -8.16 -2.54
C VAL B 41 0.85 -9.40 -2.77
N MET B 42 0.20 -10.49 -3.16
CA MET B 42 0.89 -11.69 -3.61
C MET B 42 0.90 -11.66 -5.14
N GLN B 43 2.10 -11.61 -5.72
CA GLN B 43 2.25 -11.61 -7.17
C GLN B 43 3.55 -12.28 -7.53
N GLU B 44 3.50 -13.19 -8.51
CA GLU B 44 4.69 -13.88 -9.01
C GLU B 44 5.46 -14.57 -7.87
N GLY B 45 4.72 -15.11 -6.91
CA GLY B 45 5.32 -15.86 -5.82
C GLY B 45 5.91 -15.02 -4.70
N VAL B 46 5.77 -13.71 -4.77
CA VAL B 46 6.35 -12.78 -3.80
C VAL B 46 5.23 -12.02 -3.11
N PHE B 47 5.35 -11.87 -1.79
CA PHE B 47 4.41 -11.09 -1.01
C PHE B 47 5.00 -9.70 -0.76
N HIS B 48 4.21 -8.68 -1.06
CA HIS B 48 4.64 -7.29 -1.00
C HIS B 48 3.79 -6.55 0.03
N THR B 49 4.44 -5.88 0.98
CA THR B 49 3.68 -5.02 1.90
C THR B 49 4.56 -3.84 2.31
N MET B 50 4.09 -3.05 3.26
CA MET B 50 4.87 -1.90 3.72
C MET B 50 5.69 -2.29 4.96
N TRP B 51 6.91 -1.74 5.06
CA TRP B 51 7.78 -2.13 6.17
C TRP B 51 7.11 -1.92 7.53
N HIS B 52 6.41 -0.78 7.70
CA HIS B 52 5.84 -0.47 9.01
C HIS B 52 4.72 -1.43 9.41
N VAL B 53 4.22 -2.24 8.48
CA VAL B 53 3.22 -3.26 8.81
C VAL B 53 3.87 -4.45 9.52
N THR B 54 4.98 -4.98 8.99
CA THR B 54 5.59 -6.19 9.56
C THR B 54 6.88 -5.94 10.31
N LYS B 55 7.52 -4.78 10.12
CA LYS B 55 8.86 -4.52 10.64
C LYS B 55 9.87 -5.55 10.18
N GLY B 56 9.62 -6.21 9.05
CA GLY B 56 10.52 -7.22 8.52
C GLY B 56 10.35 -8.62 9.08
N ALA B 57 9.39 -8.83 9.97
CA ALA B 57 9.18 -10.13 10.59
C ALA B 57 8.69 -11.17 9.59
N ALA B 58 8.99 -12.43 9.87
CA ALA B 58 8.46 -13.52 9.05
C ALA B 58 6.94 -13.61 9.19
N LEU B 59 6.31 -14.21 8.18
CA LEU B 59 4.86 -14.33 8.11
C LEU B 59 4.46 -15.79 7.93
N ARG B 60 3.30 -16.14 8.47
CA ARG B 60 2.70 -17.45 8.29
C ARG B 60 1.65 -17.37 7.18
N SER B 61 1.61 -18.38 6.32
CA SER B 61 0.60 -18.50 5.27
C SER B 61 0.02 -19.91 5.37
N GLY B 62 -1.04 -20.05 6.16
CA GLY B 62 -1.54 -21.37 6.48
C GLY B 62 -0.54 -22.10 7.35
N GLU B 63 -0.03 -23.23 6.86
CA GLU B 63 1.02 -23.97 7.56
C GLU B 63 2.41 -23.62 7.06
N GLY B 64 2.52 -22.73 6.07
CA GLY B 64 3.80 -22.36 5.52
C GLY B 64 4.35 -21.06 6.11
N ARG B 65 5.65 -20.87 5.93
CA ARG B 65 6.36 -19.70 6.43
C ARG B 65 6.86 -18.87 5.25
N LEU B 66 6.65 -17.56 5.30
CA LEU B 66 7.19 -16.63 4.32
C LEU B 66 8.30 -15.83 4.99
N ASP B 67 9.50 -15.91 4.44
CA ASP B 67 10.63 -15.21 5.03
C ASP B 67 10.91 -13.91 4.29
N PRO B 68 11.31 -12.86 5.01
CA PRO B 68 11.64 -11.60 4.34
C PRO B 68 12.80 -11.79 3.39
N TYR B 69 12.76 -11.07 2.28
CA TYR B 69 13.78 -11.15 1.24
C TYR B 69 14.46 -9.82 0.97
N TRP B 70 13.70 -8.75 0.89
CA TRP B 70 14.23 -7.42 0.66
C TRP B 70 13.40 -6.44 1.46
N GLY B 71 14.02 -5.40 2.00
CA GLY B 71 13.24 -4.34 2.60
C GLY B 71 14.05 -3.07 2.76
N ASP B 72 13.34 -1.97 2.92
CA ASP B 72 13.98 -0.66 3.06
C ASP B 72 13.08 0.24 3.88
N VAL B 73 13.59 0.71 5.02
CA VAL B 73 12.79 1.51 5.93
C VAL B 73 12.41 2.85 5.30
N LYS B 74 13.35 3.46 4.55
CA LYS B 74 13.04 4.78 3.98
C LYS B 74 11.96 4.69 2.92
N GLN B 75 12.00 3.67 2.07
CA GLN B 75 10.91 3.47 1.12
C GLN B 75 9.64 2.95 1.80
N ASP B 76 9.79 2.41 3.02
CA ASP B 76 8.70 1.79 3.78
C ASP B 76 8.10 0.60 3.02
N LEU B 77 8.96 -0.28 2.49
CA LEU B 77 8.51 -1.44 1.73
C LEU B 77 9.30 -2.67 2.15
N VAL B 78 8.71 -3.83 1.89
CA VAL B 78 9.33 -5.12 2.20
C VAL B 78 8.72 -6.17 1.28
N SER B 79 9.54 -7.09 0.81
CA SER B 79 9.05 -8.23 0.04
C SER B 79 9.48 -9.53 0.70
N TYR B 80 8.67 -10.57 0.47
CA TYR B 80 8.86 -11.90 1.04
C TYR B 80 8.95 -12.93 -0.08
N CYS B 81 9.84 -13.90 0.09
CA CYS B 81 10.05 -15.06 -0.78
C CYS B 81 10.80 -14.73 -2.06
N GLY B 82 11.04 -13.46 -2.35
CA GLY B 82 11.73 -13.08 -3.55
C GLY B 82 11.79 -11.57 -3.67
N PRO B 83 12.43 -11.08 -4.73
CA PRO B 83 12.59 -9.64 -4.89
C PRO B 83 11.27 -8.97 -5.25
N TRP B 84 11.25 -7.65 -5.02
CA TRP B 84 10.08 -6.83 -5.36
C TRP B 84 9.72 -7.00 -6.83
N LYS B 85 8.44 -7.29 -7.11
CA LYS B 85 7.99 -7.62 -8.45
C LYS B 85 7.14 -6.55 -9.10
N LEU B 86 6.63 -5.60 -8.33
CA LEU B 86 5.64 -4.65 -8.83
C LEU B 86 6.35 -3.45 -9.45
N ASP B 87 6.10 -3.21 -10.73
CA ASP B 87 6.83 -2.16 -11.42
C ASP B 87 5.96 -1.19 -12.21
N ALA B 88 4.64 -1.34 -12.20
CA ALA B 88 3.82 -0.36 -12.89
C ALA B 88 3.86 0.98 -12.17
N ALA B 89 3.65 2.04 -12.92
CA ALA B 89 3.70 3.40 -12.38
C ALA B 89 2.47 4.17 -12.79
N TRP B 90 2.02 5.07 -11.92
CA TRP B 90 0.98 6.00 -12.32
C TRP B 90 1.42 6.79 -13.55
N ASP B 91 0.49 6.98 -14.50
CA ASP B 91 0.83 7.69 -15.72
C ASP B 91 0.79 9.20 -15.58
N GLY B 92 0.42 9.71 -14.40
CA GLY B 92 0.37 11.13 -14.16
C GLY B 92 -0.87 11.83 -14.67
N LEU B 93 -1.79 11.10 -15.29
CA LEU B 93 -2.96 11.72 -15.94
C LEU B 93 -4.27 11.04 -15.58
N SER B 94 -4.28 9.73 -15.40
CA SER B 94 -5.50 8.94 -15.34
C SER B 94 -5.92 8.65 -13.90
N GLU B 95 -7.21 8.41 -13.73
CA GLU B 95 -7.70 7.97 -12.42
C GLU B 95 -7.19 6.57 -12.11
N VAL B 96 -7.10 6.27 -10.83
CA VAL B 96 -6.62 5.00 -10.33
C VAL B 96 -7.67 4.45 -9.38
N GLN B 97 -7.43 3.24 -8.88
CA GLN B 97 -8.33 2.66 -7.89
C GLN B 97 -7.53 2.17 -6.70
N LEU B 98 -7.89 2.64 -5.52
CA LEU B 98 -7.42 2.04 -4.28
C LEU B 98 -8.26 0.82 -4.00
N LEU B 99 -7.61 -0.35 -3.91
N LEU B 99 -7.62 -0.36 -3.92
CA LEU B 99 -8.28 -1.58 -3.49
CA LEU B 99 -8.32 -1.57 -3.49
C LEU B 99 -8.15 -1.64 -1.97
C LEU B 99 -8.16 -1.65 -1.98
N ALA B 100 -9.02 -0.90 -1.30
CA ALA B 100 -8.94 -0.80 0.16
C ALA B 100 -9.44 -2.09 0.81
N VAL B 101 -8.68 -2.60 1.77
CA VAL B 101 -9.05 -3.76 2.56
C VAL B 101 -9.05 -3.34 4.03
N PRO B 102 -10.10 -2.69 4.51
CA PRO B 102 -10.10 -2.22 5.90
C PRO B 102 -10.27 -3.37 6.87
N PRO B 103 -9.79 -3.20 8.11
CA PRO B 103 -9.95 -4.28 9.10
C PRO B 103 -11.41 -4.69 9.28
N GLY B 104 -11.67 -5.99 9.19
CA GLY B 104 -12.99 -6.55 9.41
C GLY B 104 -14.02 -6.23 8.36
N GLU B 105 -13.61 -5.65 7.23
CA GLU B 105 -14.54 -5.17 6.21
C GLU B 105 -14.14 -5.72 4.83
N ARG B 106 -15.13 -5.90 3.97
CA ARG B 106 -14.88 -6.48 2.65
C ARG B 106 -14.00 -5.57 1.80
N ALA B 107 -13.15 -6.20 0.98
CA ALA B 107 -12.33 -5.43 0.03
C ALA B 107 -13.23 -4.61 -0.89
N LYS B 108 -12.83 -3.36 -1.13
CA LYS B 108 -13.64 -2.42 -1.89
C LYS B 108 -12.75 -1.52 -2.75
N ASN B 109 -13.14 -1.33 -4.01
CA ASN B 109 -12.39 -0.46 -4.92
C ASN B 109 -12.90 0.97 -4.81
N ILE B 110 -11.97 1.93 -4.74
CA ILE B 110 -12.29 3.35 -4.71
C ILE B 110 -11.51 4.04 -5.81
N GLN B 111 -12.21 4.68 -6.74
CA GLN B 111 -11.59 5.34 -7.87
C GLN B 111 -11.32 6.80 -7.53
N THR B 112 -10.15 7.30 -7.95
CA THR B 112 -9.77 8.65 -7.60
C THR B 112 -8.74 9.14 -8.59
N LEU B 113 -8.64 10.46 -8.75
CA LEU B 113 -7.52 11.05 -9.47
C LEU B 113 -6.44 11.43 -8.48
N PRO B 114 -5.25 10.83 -8.55
CA PRO B 114 -4.21 11.15 -7.56
C PRO B 114 -3.79 12.62 -7.62
N GLY B 115 -3.39 13.12 -6.46
CA GLY B 115 -2.58 14.33 -6.36
C GLY B 115 -1.12 13.98 -6.48
N ILE B 116 -0.27 14.91 -6.04
CA ILE B 116 1.17 14.77 -6.23
C ILE B 116 1.90 15.15 -4.94
N PHE B 117 2.85 14.31 -4.53
CA PHE B 117 3.87 14.69 -3.56
C PHE B 117 5.07 15.25 -4.34
N LYS B 118 5.38 16.51 -4.14
CA LYS B 118 6.54 17.15 -4.76
C LYS B 118 7.70 17.09 -3.77
N THR B 119 8.77 16.41 -4.13
CA THR B 119 9.94 16.29 -3.27
C THR B 119 11.17 16.79 -3.99
N LYS B 120 12.25 16.95 -3.22
CA LYS B 120 13.53 17.37 -3.79
C LYS B 120 14.08 16.35 -4.77
N ASP B 121 13.66 15.09 -4.65
CA ASP B 121 14.13 14.01 -5.51
C ASP B 121 13.08 13.57 -6.53
N GLY B 122 12.11 14.42 -6.82
CA GLY B 122 11.12 14.15 -7.84
C GLY B 122 9.71 14.09 -7.26
N ASP B 123 8.76 13.93 -8.18
CA ASP B 123 7.34 13.89 -7.83
C ASP B 123 6.84 12.45 -7.85
N ILE B 124 5.90 12.15 -6.95
CA ILE B 124 5.18 10.89 -6.99
C ILE B 124 3.69 11.16 -6.77
N GLY B 125 2.88 10.24 -7.27
CA GLY B 125 1.45 10.35 -7.05
C GLY B 125 1.07 10.14 -5.60
N ALA B 126 -0.11 10.64 -5.25
CA ALA B 126 -0.60 10.55 -3.88
C ALA B 126 -2.10 10.45 -3.94
N VAL B 127 -2.71 9.70 -3.02
CA VAL B 127 -4.15 9.51 -3.00
C VAL B 127 -4.72 10.08 -1.70
N ALA B 128 -5.72 10.93 -1.82
CA ALA B 128 -6.30 11.62 -0.67
C ALA B 128 -7.54 10.86 -0.19
N LEU B 129 -7.27 9.69 0.37
CA LEU B 129 -8.28 8.79 0.92
C LEU B 129 -7.85 8.36 2.32
N ASP B 130 -8.81 8.31 3.24
CA ASP B 130 -8.51 8.10 4.66
C ASP B 130 -9.17 6.81 5.12
N TYR B 131 -8.36 5.87 5.58
CA TYR B 131 -8.79 4.56 6.04
C TYR B 131 -8.05 4.23 7.33
N PRO B 132 -8.54 3.26 8.11
CA PRO B 132 -7.86 2.91 9.36
C PRO B 132 -6.42 2.47 9.13
N ALA B 133 -5.61 2.57 10.19
CA ALA B 133 -4.20 2.24 10.11
C ALA B 133 -3.97 0.84 9.54
N GLY B 134 -4.82 -0.12 9.92
CA GLY B 134 -4.68 -1.48 9.44
C GLY B 134 -4.93 -1.69 7.96
N THR B 135 -5.33 -0.64 7.24
CA THR B 135 -5.46 -0.71 5.79
C THR B 135 -4.12 -0.51 5.09
N SER B 136 -3.07 -0.16 5.84
CA SER B 136 -1.73 0.01 5.28
C SER B 136 -1.34 -1.17 4.40
N GLY B 137 -0.78 -0.87 3.23
CA GLY B 137 -0.38 -1.89 2.30
C GLY B 137 -1.43 -2.23 1.25
N SER B 138 -2.61 -1.65 1.32
CA SER B 138 -3.61 -1.90 0.30
C SER B 138 -3.10 -1.43 -1.06
N PRO B 139 -3.32 -2.21 -2.12
CA PRO B 139 -2.77 -1.84 -3.43
C PRO B 139 -3.57 -0.77 -4.14
N ILE B 140 -2.85 0.04 -4.90
CA ILE B 140 -3.43 1.04 -5.82
C ILE B 140 -3.20 0.53 -7.23
N LEU B 141 -4.25 0.57 -8.07
CA LEU B 141 -4.21 -0.09 -9.37
C LEU B 141 -4.48 0.89 -10.50
N ASP B 142 -3.89 0.61 -11.66
CA ASP B 142 -4.24 1.35 -12.86
C ASP B 142 -5.39 0.66 -13.58
N LYS B 143 -5.81 1.25 -14.70
CA LYS B 143 -6.98 0.74 -15.42
C LYS B 143 -6.77 -0.64 -16.00
N CYS B 144 -5.52 -1.09 -16.12
CA CYS B 144 -5.20 -2.45 -16.54
C CYS B 144 -5.14 -3.44 -15.37
N GLY B 145 -5.40 -2.99 -14.15
CA GLY B 145 -5.32 -3.85 -12.99
C GLY B 145 -3.92 -4.05 -12.43
N ARG B 146 -2.91 -3.39 -12.99
CA ARG B 146 -1.56 -3.50 -12.47
C ARG B 146 -1.41 -2.67 -11.20
N VAL B 147 -0.60 -3.17 -10.27
CA VAL B 147 -0.38 -2.49 -9.00
C VAL B 147 0.70 -1.43 -9.21
N ILE B 148 0.31 -0.16 -9.05
CA ILE B 148 1.23 0.96 -9.23
C ILE B 148 1.81 1.44 -7.93
N GLY B 149 1.42 0.83 -6.81
CA GLY B 149 2.04 1.12 -5.52
C GLY B 149 1.12 0.71 -4.40
N LEU B 150 1.60 0.95 -3.17
CA LEU B 150 0.88 0.58 -1.97
C LEU B 150 0.50 1.81 -1.15
N TYR B 151 -0.66 1.72 -0.51
CA TYR B 151 -1.26 2.80 0.26
C TYR B 151 -0.83 2.74 1.72
N GLY B 152 -0.50 3.89 2.30
CA GLY B 152 -0.37 3.94 3.75
C GLY B 152 0.83 4.68 4.31
N ASN B 153 1.69 5.24 3.47
CA ASN B 153 2.76 6.11 3.96
C ASN B 153 2.45 7.53 3.48
N GLY B 154 2.07 8.40 4.41
CA GLY B 154 1.56 9.70 4.00
C GLY B 154 1.71 10.84 4.98
N VAL B 155 0.87 11.88 4.81
CA VAL B 155 0.92 13.09 5.63
C VAL B 155 -0.49 13.45 6.03
N VAL B 156 -0.58 14.29 7.06
CA VAL B 156 -1.82 14.97 7.44
C VAL B 156 -1.67 16.43 7.08
N ILE B 157 -2.58 16.94 6.23
CA ILE B 157 -2.44 18.28 5.67
C ILE B 157 -3.14 19.31 6.55
N LYS B 158 -3.19 20.56 6.07
CA LYS B 158 -3.56 21.69 6.91
C LYS B 158 -4.94 21.52 7.52
N ASN B 159 -5.90 20.97 6.77
CA ASN B 159 -7.25 20.81 7.30
C ASN B 159 -7.42 19.54 8.12
N GLY B 160 -6.36 18.77 8.34
CA GLY B 160 -6.44 17.58 9.14
C GLY B 160 -6.70 16.29 8.38
N SER B 161 -6.84 16.35 7.06
CA SER B 161 -7.15 15.15 6.30
C SER B 161 -5.87 14.43 5.89
N TYR B 162 -6.03 13.16 5.51
CA TYR B 162 -4.93 12.27 5.24
C TYR B 162 -4.68 12.12 3.74
N VAL B 163 -3.42 12.17 3.34
CA VAL B 163 -3.00 11.94 1.96
C VAL B 163 -1.86 10.94 1.97
N SER B 164 -2.00 9.85 1.23
CA SER B 164 -1.00 8.79 1.17
C SER B 164 -0.19 8.89 -0.12
N ALA B 165 1.13 8.71 -0.01
CA ALA B 165 1.90 8.49 -1.22
C ALA B 165 1.42 7.24 -1.94
N ILE B 166 1.58 7.22 -3.26
CA ILE B 166 1.54 5.97 -4.02
C ILE B 166 2.97 5.42 -3.97
N THR B 167 3.22 4.48 -3.06
CA THR B 167 4.58 4.01 -2.82
C THR B 167 4.87 2.79 -3.68
N GLN B 168 5.82 2.91 -4.60
CA GLN B 168 6.18 1.81 -5.48
C GLN B 168 7.66 1.48 -5.32
N GLY B 169 7.97 0.19 -5.40
CA GLY B 169 9.35 -0.28 -5.32
C GLY B 169 10.03 -0.26 -6.66
N LYS B 170 11.20 -0.88 -6.70
CA LYS B 170 12.00 -1.05 -7.90
C LYS B 170 12.11 -2.53 -8.20
N ARG B 171 11.85 -2.91 -9.46
CA ARG B 171 11.99 -4.29 -9.87
C ARG B 171 13.41 -4.51 -10.41
N GLU B 172 14.13 -5.45 -9.83
CA GLU B 172 15.49 -5.77 -10.27
C GLU B 172 15.46 -6.73 -11.45
N1 IY3 C . -3.81 7.18 11.35
C7 IY3 C . -5.54 10.39 9.66
C8 IY3 C . 0.77 5.35 8.70
N2 IY3 C . -5.59 9.11 9.04
C9 IY3 C . 1.69 4.55 9.60
O1 IY3 C . -5.97 6.90 10.79
C1 IY3 C . -2.44 3.99 7.11
C5 IY3 C . -4.59 8.07 9.23
C6 IY3 C . -4.85 7.33 10.54
N3 IY3 C . -6.63 11.26 9.43
C4 IY3 C . -4.61 7.09 8.05
O4 IY3 C . 0.92 7.69 7.20
C3 IY3 C . -3.57 5.99 8.19
O3 IY3 C . -1.76 9.50 10.09
C2 IY3 C . -3.49 5.08 6.98
N4 IY3 C . -4.49 10.65 10.39
N IY3 C . -1.10 4.53 7.36
C IY3 C . -0.58 4.64 8.58
O IY3 C . -1.15 4.21 9.59
C10 IY3 C . 3.05 5.21 9.83
C11 IY3 C . 3.86 5.38 8.55
C12 IY3 C . 5.06 6.28 8.80
C13 IY3 C . 0.79 7.77 8.42
C14 IY3 C . 0.84 9.13 9.11
C15 IY3 C . 2.26 9.66 9.02
C16 IY3 C . 2.38 11.15 9.32
C17 IY3 C . 3.79 11.68 9.14
C18 IY3 C . 3.91 13.14 9.51
C19 IY3 C . -0.85 9.26 10.89
C20 IY3 C . -1.09 9.19 12.38
C21 IY3 C . -1.97 10.32 12.88
C22 IY3 C . -3.20 10.04 13.46
C23 IY3 C . -4.03 11.07 13.92
C24 IY3 C . -5.37 10.74 14.54
C27 IY3 C . -3.61 12.37 13.78
C28 IY3 C . -2.38 12.66 13.22
C29 IY3 C . -1.56 11.65 12.76
N5 IY3 C . 6.17 6.03 7.89
N6 IY3 C . 0.61 6.71 9.20
N7 IY3 C . 5.30 13.58 9.55
N8 IY3 C . 0.41 9.04 10.49
N9 IY3 C . -5.42 9.40 15.11
#